data_5I1G
#
_entry.id   5I1G
#
_cell.length_a   88.140
_cell.length_b   88.140
_cell.length_c   219.590
_cell.angle_alpha   90.00
_cell.angle_beta   90.00
_cell.angle_gamma   120.00
#
_symmetry.space_group_name_H-M   'P 65 2 2'
#
loop_
_entity.id
_entity.type
_entity.pdbx_description
1 polymer 'FAB LIGHT CHAIN'
2 polymer 'FAB HEAVY CHAIN'
3 non-polymer 'SULFATE ION'
4 water water
#
loop_
_entity_poly.entity_id
_entity_poly.type
_entity_poly.pdbx_seq_one_letter_code
_entity_poly.pdbx_strand_id
1 'polypeptide(L)'
;EIVLTQSPATLSLSPGERATLSCRASQSVSSYLAWYQQKPGQAPRLLIYDASNRATGIPARFSGSGSGTDFTLTISSLEP
EDFAVYYCQQRSNWPLTFGQGTKVEIKRTVAAPSVFIFPPSDEQLKSGTASVVCLLNNFYPREAKVQWKVDNALQSGNSQ
ESVTEQDSKDSTYSLSSTLTLSKADYEKHKVYACEVTHQGLSSPVTKSFNRGEC
;
L
2 'polypeptide(L)'
;EVQLVETGGGLIQPGGSLRLSCAASGFTVSSNYMSWVRQAPGKGLEWVSVIYSGGSTYYADSVKGRFTISRDNSKNTLYL
QMNSLRAEDTAVYYCARYDGIYGELDFWGQGTLVTVSSASTKGPSVFPLAPSSKSTSGGTAALGCLVKDYFPEPVTVSWN
SGALTSGVHTFPAVLQSSGLYSLSSVVTVPSSSLGTQTYICNVNHKPSNTKVDKKVEPKSCHHHHHH
;
H
#
loop_
_chem_comp.id
_chem_comp.type
_chem_comp.name
_chem_comp.formula
SO4 non-polymer 'SULFATE ION' 'O4 S -2'
#
# COMPACT_ATOMS: atom_id res chain seq x y z
N GLU A 1 26.57 -7.60 5.85
CA GLU A 1 26.97 -8.72 4.96
C GLU A 1 26.34 -10.04 5.41
N ILE A 2 25.76 -10.03 6.61
CA ILE A 2 25.11 -11.20 7.19
C ILE A 2 23.62 -11.24 6.84
N VAL A 3 23.21 -12.32 6.19
CA VAL A 3 21.83 -12.53 5.81
C VAL A 3 20.99 -12.86 7.04
N LEU A 4 19.75 -12.38 7.04
CA LEU A 4 18.81 -12.67 8.12
C LEU A 4 17.68 -13.56 7.61
N THR A 5 17.30 -14.55 8.42
CA THR A 5 16.24 -15.47 8.03
C THR A 5 15.06 -15.40 9.00
N GLN A 6 14.13 -14.48 8.73
CA GLN A 6 12.93 -14.30 9.57
C GLN A 6 11.94 -15.46 9.45
N SER A 7 11.32 -15.80 10.57
CA SER A 7 10.34 -16.89 10.63
C SER A 7 9.32 -16.59 11.71
N PRO A 8 8.05 -16.95 11.45
CA PRO A 8 7.56 -17.47 10.17
C PRO A 8 7.43 -16.33 9.15
N ALA A 9 7.13 -16.66 7.90
CA ALA A 9 6.92 -15.65 6.87
C ALA A 9 5.57 -14.97 7.08
N THR A 10 4.56 -15.77 7.40
CA THR A 10 3.24 -15.26 7.75
C THR A 10 2.76 -15.82 9.10
N LEU A 11 2.05 -14.99 9.84
CA LEU A 11 1.39 -15.37 11.08
C LEU A 11 -0.05 -14.87 11.04
N SER A 12 -0.99 -15.78 11.29
CA SER A 12 -2.39 -15.40 11.38
C SER A 12 -2.91 -15.83 12.72
N LEU A 13 -3.31 -14.86 13.53
CA LEU A 13 -3.76 -15.09 14.90
C LEU A 13 -4.89 -14.14 15.25
N SER A 14 -5.72 -14.52 16.24
CA SER A 14 -6.90 -13.76 16.62
C SER A 14 -6.55 -12.67 17.63
N PRO A 15 -7.39 -11.62 17.72
CA PRO A 15 -7.20 -10.63 18.77
C PRO A 15 -7.10 -11.26 20.15
N GLY A 16 -6.12 -10.82 20.94
CA GLY A 16 -5.92 -11.30 22.30
C GLY A 16 -4.92 -12.43 22.40
N GLU A 17 -4.39 -12.88 21.26
CA GLU A 17 -3.38 -13.92 21.26
C GLU A 17 -1.98 -13.33 21.31
N ARG A 18 -1.05 -14.12 21.85
CA ARG A 18 0.35 -13.75 21.88
C ARG A 18 0.96 -14.10 20.52
N ALA A 19 1.79 -13.20 20.02
CA ALA A 19 2.46 -13.38 18.73
C ALA A 19 3.97 -13.39 18.91
N THR A 20 4.63 -14.43 18.40
CA THR A 20 6.09 -14.60 18.53
C THR A 20 6.76 -14.63 17.16
N LEU A 21 7.62 -13.65 16.91
CA LEU A 21 8.28 -13.46 15.61
C LEU A 21 9.80 -13.63 15.75
N SER A 22 10.40 -14.49 14.91
CA SER A 22 11.81 -14.88 15.02
C SER A 22 12.71 -14.30 13.92
N CYS A 23 13.94 -13.95 14.31
CA CYS A 23 14.96 -13.49 13.35
C CYS A 23 16.31 -14.18 13.61
N ARG A 24 16.77 -14.94 12.61
CA ARG A 24 17.97 -15.77 12.75
C ARG A 24 19.10 -15.29 11.82
N ALA A 25 20.30 -15.18 12.38
CA ALA A 25 21.47 -14.68 11.65
C ALA A 25 22.48 -15.79 11.35
N SER A 26 22.95 -15.81 10.10
CA SER A 26 23.97 -16.78 9.67
C SER A 26 25.30 -16.54 10.39
N GLN A 27 25.54 -15.30 10.77
CA GLN A 27 26.73 -14.93 11.52
C GLN A 27 26.35 -14.00 12.67
N SER A 28 26.95 -14.26 13.82
CA SER A 28 26.76 -13.42 14.99
C SER A 28 26.69 -11.95 14.65
N VAL A 29 25.82 -11.28 15.37
CA VAL A 29 25.72 -9.85 15.31
C VAL A 29 25.68 -9.31 16.72
N SER A 30 26.16 -10.12 17.66
CA SER A 30 26.09 -9.88 19.07
C SER A 30 24.70 -9.39 19.47
N SER A 31 24.52 -8.09 19.60
CA SER A 31 23.24 -7.54 20.03
C SER A 31 22.67 -6.50 19.07
N TYR A 32 23.41 -6.19 18.00
CA TYR A 32 22.97 -5.19 17.02
C TYR A 32 21.84 -5.75 16.14
N LEU A 33 20.59 -5.63 16.63
CA LEU A 33 19.42 -6.07 15.87
C LEU A 33 18.19 -5.24 16.21
N ALA A 34 17.48 -4.79 15.16
CA ALA A 34 16.36 -3.86 15.28
C ALA A 34 15.03 -4.43 14.75
N TRP A 35 13.91 -3.80 15.11
CA TRP A 35 12.54 -4.24 14.77
C TRP A 35 11.62 -3.10 14.36
N TYR A 36 11.02 -3.19 13.17
CA TYR A 36 10.12 -2.16 12.65
C TYR A 36 8.74 -2.73 12.26
N GLN A 37 7.71 -1.91 12.38
CA GLN A 37 6.34 -2.26 11.99
C GLN A 37 5.88 -1.44 10.79
N GLN A 38 5.48 -2.11 9.71
CA GLN A 38 4.97 -1.40 8.54
C GLN A 38 3.56 -1.84 8.14
N LYS A 39 2.65 -0.88 8.15
CA LYS A 39 1.27 -1.08 7.73
C LYS A 39 1.15 -0.77 6.23
N PRO A 40 0.08 -1.26 5.58
CA PRO A 40 -0.14 -0.99 4.14
C PRO A 40 -0.06 0.49 3.78
N GLY A 41 0.87 0.82 2.87
CA GLY A 41 1.00 2.18 2.34
C GLY A 41 1.46 3.23 3.33
N GLN A 42 2.35 2.84 4.24
CA GLN A 42 2.88 3.74 5.26
C GLN A 42 4.37 3.52 5.47
N ALA A 43 5.04 4.50 6.05
CA ALA A 43 6.43 4.37 6.44
C ALA A 43 6.56 3.37 7.57
N PRO A 44 7.69 2.66 7.65
CA PRO A 44 7.98 1.80 8.79
C PRO A 44 8.00 2.57 10.10
N ARG A 45 7.76 1.85 11.20
CA ARG A 45 7.68 2.42 12.53
C ARG A 45 8.53 1.55 13.45
N LEU A 46 9.68 2.11 13.85
CA LEU A 46 10.61 1.41 14.74
C LEU A 46 9.92 0.89 16.01
N LEU A 47 10.32 -0.30 16.45
CA LEU A 47 9.79 -0.89 17.68
C LEU A 47 10.86 -1.12 18.73
N ILE A 48 11.91 -1.85 18.36
CA ILE A 48 12.95 -2.29 19.30
C ILE A 48 14.35 -2.00 18.73
N TYR A 49 15.26 -1.57 19.60
CA TYR A 49 16.68 -1.43 19.24
C TYR A 49 17.62 -2.12 20.22
N ASP A 50 18.77 -2.58 19.70
CA ASP A 50 19.75 -3.36 20.47
C ASP A 50 19.12 -4.66 21.02
N ALA A 51 18.36 -5.34 20.16
CA ALA A 51 17.72 -6.63 20.45
C ALA A 51 16.64 -6.65 21.55
N SER A 52 16.85 -5.92 22.64
CA SER A 52 15.98 -6.03 23.83
C SER A 52 15.29 -4.73 24.29
N ASN A 53 15.58 -3.62 23.64
CA ASN A 53 15.17 -2.31 24.16
C ASN A 53 14.12 -1.56 23.37
N ARG A 54 12.95 -1.45 24.00
CA ARG A 54 11.76 -0.86 23.40
C ARG A 54 12.01 0.61 23.05
N ALA A 55 11.69 0.98 21.82
CA ALA A 55 11.89 2.36 21.35
C ALA A 55 10.77 3.27 21.84
N THR A 56 11.09 4.56 21.93
CA THR A 56 10.17 5.59 22.46
C THR A 56 8.78 5.51 21.84
N GLY A 57 7.75 5.60 22.67
CA GLY A 57 6.36 5.66 22.23
C GLY A 57 5.69 4.31 21.99
N ILE A 58 6.51 3.28 21.78
CA ILE A 58 6.05 1.92 21.52
C ILE A 58 5.33 1.32 22.73
N PRO A 59 4.03 0.94 22.56
CA PRO A 59 3.18 0.40 23.62
C PRO A 59 3.78 -0.82 24.33
N ALA A 60 3.20 -1.18 25.47
CA ALA A 60 3.73 -2.22 26.35
C ALA A 60 3.79 -3.62 25.70
N ARG A 61 2.83 -3.92 24.84
CA ARG A 61 2.70 -5.28 24.27
C ARG A 61 3.87 -5.76 23.40
N PHE A 62 4.58 -4.82 22.76
CA PHE A 62 5.73 -5.20 21.94
C PHE A 62 6.97 -5.34 22.83
N SER A 63 7.78 -6.36 22.57
CA SER A 63 9.05 -6.53 23.29
C SER A 63 10.05 -7.34 22.47
N GLY A 64 11.33 -7.21 22.83
CA GLY A 64 12.38 -7.93 22.14
C GLY A 64 13.37 -8.61 23.06
N SER A 65 14.09 -9.60 22.53
CA SER A 65 15.10 -10.32 23.30
C SER A 65 16.00 -11.16 22.40
N GLY A 66 17.21 -11.43 22.87
CA GLY A 66 18.15 -12.27 22.17
C GLY A 66 19.55 -11.70 22.10
N SER A 67 20.51 -12.60 21.91
CA SER A 67 21.91 -12.24 21.67
C SER A 67 22.56 -13.37 20.88
N GLY A 68 23.42 -13.00 19.95
CA GLY A 68 24.11 -13.96 19.10
C GLY A 68 23.48 -14.12 17.73
N THR A 69 22.78 -15.23 17.52
CA THR A 69 22.23 -15.56 16.20
C THR A 69 20.71 -15.66 16.19
N ASP A 70 20.11 -15.91 17.37
CA ASP A 70 18.66 -16.07 17.49
C ASP A 70 18.00 -14.94 18.28
N PHE A 71 16.96 -14.36 17.70
CA PHE A 71 16.31 -13.16 18.23
C PHE A 71 14.79 -13.31 18.19
N THR A 72 14.08 -12.47 18.96
CA THR A 72 12.64 -12.64 19.14
C THR A 72 11.87 -11.33 19.36
N LEU A 73 10.87 -11.09 18.51
CA LEU A 73 9.88 -10.04 18.76
C LEU A 73 8.57 -10.67 19.19
N THR A 74 7.98 -10.12 20.25
CA THR A 74 6.74 -10.63 20.81
C THR A 74 5.70 -9.51 20.93
N ILE A 75 4.46 -9.82 20.56
CA ILE A 75 3.30 -8.97 20.85
C ILE A 75 2.41 -9.72 21.82
N SER A 76 2.42 -9.31 23.09
CA SER A 76 1.82 -10.07 24.19
C SER A 76 0.33 -10.36 24.01
N SER A 77 -0.41 -9.34 23.59
CA SER A 77 -1.84 -9.48 23.35
C SER A 77 -2.21 -8.68 22.10
N LEU A 78 -2.44 -9.40 21.00
CA LEU A 78 -2.71 -8.80 19.69
C LEU A 78 -3.93 -7.89 19.64
N GLU A 79 -3.81 -6.84 18.85
CA GLU A 79 -4.88 -5.88 18.64
C GLU A 79 -5.22 -5.86 17.16
N PRO A 80 -6.50 -5.59 16.82
CA PRO A 80 -6.93 -5.48 15.42
C PRO A 80 -6.02 -4.61 14.55
N GLU A 81 -5.38 -3.61 15.16
CA GLU A 81 -4.52 -2.66 14.45
C GLU A 81 -3.08 -3.16 14.27
N ASP A 82 -2.77 -4.35 14.79
CA ASP A 82 -1.42 -4.88 14.65
C ASP A 82 -1.19 -5.59 13.30
N PHE A 83 -2.24 -5.63 12.47
CA PHE A 83 -2.12 -6.07 11.08
C PHE A 83 -1.02 -5.26 10.38
N ALA A 84 0.11 -5.92 10.07
CA ALA A 84 1.28 -5.25 9.51
C ALA A 84 2.34 -6.26 9.11
N VAL A 85 3.36 -5.78 8.41
CA VAL A 85 4.60 -6.54 8.18
C VAL A 85 5.63 -6.09 9.22
N TYR A 86 6.47 -7.01 9.69
CA TYR A 86 7.45 -6.70 10.74
C TYR A 86 8.87 -7.09 10.35
N TYR A 87 9.79 -6.13 10.41
CA TYR A 87 11.14 -6.31 9.88
C TYR A 87 12.26 -6.38 10.94
N CYS A 88 13.15 -7.34 10.78
CA CYS A 88 14.41 -7.37 11.54
C CYS A 88 15.57 -6.87 10.67
N GLN A 89 16.66 -6.42 11.31
CA GLN A 89 17.77 -5.76 10.61
C GLN A 89 19.03 -5.75 11.49
N GLN A 90 20.20 -5.94 10.86
CA GLN A 90 21.49 -5.95 11.58
C GLN A 90 22.49 -4.89 11.10
N ARG A 91 23.25 -4.35 12.05
CA ARG A 91 24.22 -3.29 11.77
C ARG A 91 25.56 -3.56 12.48
N SER A 92 26.26 -4.59 12.02
CA SER A 92 27.56 -4.95 12.59
C SER A 92 28.65 -4.77 11.55
N ASN A 93 28.56 -5.54 10.47
CA ASN A 93 29.45 -5.41 9.32
C ASN A 93 28.70 -4.78 8.16
N TRP A 94 29.43 -4.24 7.19
CA TRP A 94 28.83 -3.68 5.98
C TRP A 94 28.70 -4.75 4.89
N PRO A 95 27.64 -4.67 4.05
CA PRO A 95 26.56 -3.67 4.08
C PRO A 95 25.44 -4.00 5.05
N LEU A 96 24.73 -2.96 5.51
CA LEU A 96 23.56 -3.12 6.38
C LEU A 96 22.54 -4.05 5.72
N THR A 97 22.01 -5.01 6.49
CA THR A 97 21.03 -5.95 5.96
C THR A 97 19.74 -5.98 6.76
N PHE A 98 18.61 -5.91 6.05
CA PHE A 98 17.27 -6.08 6.61
C PHE A 98 16.86 -7.55 6.51
N GLY A 99 15.86 -7.94 7.30
CA GLY A 99 15.21 -9.25 7.13
C GLY A 99 14.11 -9.15 6.08
N GLN A 100 13.60 -10.30 5.62
CA GLN A 100 12.55 -10.32 4.61
C GLN A 100 11.15 -9.93 5.15
N GLY A 101 10.99 -9.94 6.47
CA GLY A 101 9.72 -9.57 7.10
C GLY A 101 8.83 -10.73 7.48
N THR A 102 8.00 -10.50 8.50
CA THR A 102 6.94 -11.43 8.88
C THR A 102 5.60 -10.70 8.68
N LYS A 103 4.75 -11.23 7.80
CA LYS A 103 3.42 -10.67 7.59
C LYS A 103 2.49 -11.17 8.70
N VAL A 104 1.86 -10.24 9.41
CA VAL A 104 0.90 -10.61 10.45
C VAL A 104 -0.53 -10.27 10.03
N GLU A 105 -1.37 -11.29 9.97
CA GLU A 105 -2.79 -11.13 9.68
C GLU A 105 -3.59 -11.34 10.96
N ILE A 106 -4.69 -10.60 11.09
CA ILE A 106 -5.59 -10.75 12.22
C ILE A 106 -6.74 -11.72 11.86
N LYS A 107 -6.86 -12.78 12.65
CA LYS A 107 -7.82 -13.85 12.39
C LYS A 107 -9.13 -13.68 13.17
N ARG A 108 -10.04 -12.87 12.63
CA ARG A 108 -11.37 -12.65 13.21
C ARG A 108 -12.34 -13.80 12.89
N THR A 109 -13.60 -13.66 13.30
CA THR A 109 -14.62 -14.69 13.04
C THR A 109 -15.19 -14.55 11.62
N VAL A 110 -15.90 -15.57 11.15
CA VAL A 110 -16.44 -15.60 9.79
C VAL A 110 -17.49 -14.50 9.57
N ALA A 111 -17.23 -13.63 8.62
CA ALA A 111 -18.15 -12.58 8.21
C ALA A 111 -18.49 -12.73 6.73
N ALA A 112 -19.78 -12.89 6.44
CA ALA A 112 -20.24 -13.05 5.06
C ALA A 112 -20.21 -11.74 4.29
N PRO A 113 -19.90 -11.79 2.99
CA PRO A 113 -19.87 -10.54 2.21
C PRO A 113 -21.24 -9.96 1.88
N SER A 114 -21.29 -8.63 1.79
CA SER A 114 -22.43 -7.94 1.18
C SER A 114 -22.10 -7.74 -0.28
N VAL A 115 -23.02 -8.15 -1.16
CA VAL A 115 -22.75 -8.13 -2.60
C VAL A 115 -23.55 -7.05 -3.34
N PHE A 116 -22.84 -6.20 -4.06
CA PHE A 116 -23.46 -5.18 -4.90
C PHE A 116 -23.02 -5.34 -6.34
N ILE A 117 -23.81 -4.82 -7.27
CA ILE A 117 -23.45 -4.83 -8.69
C ILE A 117 -23.67 -3.45 -9.30
N PHE A 118 -22.81 -3.07 -10.23
CA PHE A 118 -22.83 -1.75 -10.83
C PHE A 118 -22.78 -1.81 -12.36
N PRO A 119 -23.90 -1.46 -13.01
CA PRO A 119 -23.90 -1.26 -14.46
C PRO A 119 -22.95 -0.14 -14.87
N PRO A 120 -22.24 -0.32 -16.01
CA PRO A 120 -21.37 0.73 -16.57
C PRO A 120 -22.12 2.05 -16.77
N SER A 121 -21.43 3.17 -16.56
CA SER A 121 -22.04 4.49 -16.68
C SER A 121 -22.31 4.90 -18.12
N ASP A 122 -23.17 5.91 -18.28
CA ASP A 122 -23.46 6.50 -19.60
C ASP A 122 -22.25 7.23 -20.15
N GLU A 123 -21.50 7.86 -19.26
CA GLU A 123 -20.24 8.54 -19.60
C GLU A 123 -19.27 7.57 -20.27
N GLN A 124 -19.18 6.36 -19.71
CA GLN A 124 -18.26 5.31 -20.19
C GLN A 124 -18.70 4.70 -21.52
N LEU A 125 -20.01 4.64 -21.73
CA LEU A 125 -20.57 4.02 -22.94
C LEU A 125 -20.26 4.80 -24.21
N LYS A 126 -20.03 6.11 -24.06
CA LYS A 126 -19.61 6.98 -25.16
C LYS A 126 -18.25 6.57 -25.73
N SER A 127 -17.36 6.08 -24.87
CA SER A 127 -16.01 5.67 -25.25
C SER A 127 -15.99 4.34 -26.00
N GLY A 128 -17.02 3.53 -25.79
CA GLY A 128 -17.12 2.22 -26.44
C GLY A 128 -16.65 1.05 -25.58
N THR A 129 -16.42 1.30 -24.29
CA THR A 129 -16.03 0.26 -23.33
C THR A 129 -17.05 0.15 -22.20
N ALA A 130 -17.28 -1.07 -21.72
CA ALA A 130 -18.26 -1.32 -20.67
C ALA A 130 -17.71 -2.11 -19.48
N SER A 131 -17.54 -1.42 -18.35
CA SER A 131 -17.06 -2.05 -17.11
C SER A 131 -18.24 -2.39 -16.19
N VAL A 132 -18.38 -3.67 -15.85
CA VAL A 132 -19.38 -4.12 -14.89
C VAL A 132 -18.71 -4.48 -13.57
N VAL A 133 -18.97 -3.69 -12.53
CA VAL A 133 -18.27 -3.88 -11.24
C VAL A 133 -19.13 -4.56 -10.18
N CYS A 134 -18.62 -5.69 -9.68
CA CYS A 134 -19.23 -6.40 -8.56
C CYS A 134 -18.44 -6.14 -7.30
N LEU A 135 -19.16 -5.86 -6.20
CA LEU A 135 -18.52 -5.55 -4.93
C LEU A 135 -18.90 -6.54 -3.82
N LEU A 136 -17.87 -7.16 -3.24
CA LEU A 136 -18.01 -7.97 -2.05
C LEU A 136 -17.46 -7.17 -0.88
N ASN A 137 -18.34 -6.79 0.03
CA ASN A 137 -18.00 -5.80 1.04
C ASN A 137 -17.97 -6.42 2.43
N ASN A 138 -16.86 -6.17 3.15
CA ASN A 138 -16.69 -6.52 4.56
C ASN A 138 -16.89 -8.00 4.89
N PHE A 139 -15.97 -8.81 4.41
CA PHE A 139 -16.04 -10.26 4.59
C PHE A 139 -14.76 -10.85 5.15
N TYR A 140 -14.89 -12.01 5.77
CA TYR A 140 -13.77 -12.79 6.28
C TYR A 140 -14.15 -14.27 6.31
N PRO A 141 -13.25 -15.16 5.83
CA PRO A 141 -11.87 -14.92 5.35
C PRO A 141 -11.75 -14.34 3.94
N ARG A 142 -10.50 -14.20 3.51
CA ARG A 142 -10.13 -13.58 2.24
C ARG A 142 -10.63 -14.39 1.04
N GLU A 143 -10.58 -15.72 1.17
CA GLU A 143 -10.94 -16.64 0.11
C GLU A 143 -12.41 -16.50 -0.30
N ALA A 144 -12.64 -16.08 -1.54
CA ALA A 144 -13.99 -15.89 -2.07
C ALA A 144 -13.99 -16.17 -3.57
N LYS A 145 -15.00 -16.92 -4.01
CA LYS A 145 -15.14 -17.25 -5.42
C LYS A 145 -16.16 -16.33 -6.07
N VAL A 146 -15.73 -15.62 -7.10
CA VAL A 146 -16.62 -14.74 -7.86
C VAL A 146 -16.80 -15.30 -9.26
N GLN A 147 -18.06 -15.40 -9.69
CA GLN A 147 -18.43 -15.99 -10.96
C GLN A 147 -19.25 -14.98 -11.75
N TRP A 148 -18.88 -14.76 -13.00
CA TRP A 148 -19.63 -13.86 -13.86
C TRP A 148 -20.50 -14.61 -14.85
N LYS A 149 -21.80 -14.31 -14.83
CA LYS A 149 -22.73 -14.86 -15.80
C LYS A 149 -23.43 -13.74 -16.56
N VAL A 150 -23.43 -13.84 -17.88
CA VAL A 150 -24.07 -12.87 -18.77
C VAL A 150 -25.11 -13.63 -19.59
N ASP A 151 -26.39 -13.36 -19.34
CA ASP A 151 -27.49 -14.19 -19.88
C ASP A 151 -27.33 -15.67 -19.48
N ASN A 152 -26.95 -15.87 -18.22
CA ASN A 152 -26.67 -17.19 -17.64
C ASN A 152 -25.46 -17.93 -18.26
N ALA A 153 -24.66 -17.20 -19.03
CA ALA A 153 -23.46 -17.76 -19.65
C ALA A 153 -22.21 -17.33 -18.88
N LEU A 154 -21.37 -18.31 -18.54
CA LEU A 154 -20.12 -18.07 -17.82
C LEU A 154 -19.13 -17.23 -18.61
N GLN A 155 -18.63 -16.18 -17.97
CA GLN A 155 -17.54 -15.37 -18.53
C GLN A 155 -16.20 -15.97 -18.13
N SER A 156 -15.18 -15.73 -18.94
CA SER A 156 -13.85 -16.27 -18.70
C SER A 156 -12.77 -15.39 -19.33
N GLY A 157 -11.81 -14.98 -18.51
CA GLY A 157 -10.66 -14.20 -18.98
C GLY A 157 -10.95 -12.74 -19.33
N ASN A 158 -12.08 -12.23 -18.87
CA ASN A 158 -12.42 -10.81 -19.06
C ASN A 158 -12.70 -10.07 -17.74
N SER A 159 -12.24 -10.66 -16.63
CA SER A 159 -12.46 -10.13 -15.29
C SER A 159 -11.16 -10.00 -14.49
N GLN A 160 -11.07 -8.94 -13.70
CA GLN A 160 -9.93 -8.69 -12.82
C GLN A 160 -10.44 -8.33 -11.43
N GLU A 161 -9.95 -9.02 -10.42
CA GLU A 161 -10.32 -8.65 -9.05
C GLU A 161 -9.17 -8.06 -8.24
N SER A 162 -9.52 -7.17 -7.33
CA SER A 162 -8.57 -6.68 -6.34
C SER A 162 -9.22 -6.72 -4.97
N VAL A 163 -8.39 -6.90 -3.95
CA VAL A 163 -8.84 -7.02 -2.58
C VAL A 163 -8.19 -5.89 -1.80
N THR A 164 -8.97 -5.24 -0.93
CA THR A 164 -8.41 -4.24 -0.04
C THR A 164 -7.48 -4.90 0.97
N GLU A 165 -6.59 -4.11 1.54
CA GLU A 165 -5.80 -4.53 2.69
C GLU A 165 -6.75 -4.65 3.87
N GLN A 166 -6.40 -5.50 4.84
CA GLN A 166 -7.29 -5.78 5.96
C GLN A 166 -7.70 -4.49 6.67
N ASP A 167 -8.98 -4.40 7.01
CA ASP A 167 -9.51 -3.25 7.73
C ASP A 167 -8.97 -3.26 9.16
N SER A 168 -8.19 -2.23 9.50
CA SER A 168 -7.56 -2.14 10.82
C SER A 168 -8.53 -2.00 12.00
N LYS A 169 -9.83 -1.88 11.70
CA LYS A 169 -10.85 -1.78 12.74
C LYS A 169 -11.56 -3.12 13.00
N ASP A 170 -12.18 -3.69 11.95
CA ASP A 170 -12.93 -4.95 12.11
C ASP A 170 -12.29 -6.17 11.41
N SER A 171 -11.11 -5.96 10.84
CA SER A 171 -10.27 -7.04 10.28
C SER A 171 -10.82 -7.73 9.02
N THR A 172 -11.86 -7.16 8.43
CA THR A 172 -12.49 -7.71 7.23
C THR A 172 -11.80 -7.23 5.95
N TYR A 173 -12.02 -7.99 4.88
CA TYR A 173 -11.57 -7.62 3.55
C TYR A 173 -12.79 -7.21 2.71
N SER A 174 -12.54 -6.41 1.68
CA SER A 174 -13.52 -6.17 0.62
C SER A 174 -12.92 -6.52 -0.73
N LEU A 175 -13.77 -6.84 -1.70
CA LEU A 175 -13.29 -7.34 -2.98
C LEU A 175 -14.07 -6.71 -4.13
N SER A 176 -13.32 -6.30 -5.15
CA SER A 176 -13.87 -5.65 -6.32
C SER A 176 -13.60 -6.52 -7.53
N SER A 177 -14.65 -7.05 -8.14
CA SER A 177 -14.52 -7.72 -9.42
C SER A 177 -15.08 -6.82 -10.51
N THR A 178 -14.24 -6.52 -11.49
CA THR A 178 -14.64 -5.73 -12.64
C THR A 178 -14.68 -6.64 -13.86
N LEU A 179 -15.85 -6.72 -14.50
CA LEU A 179 -15.98 -7.39 -15.80
C LEU A 179 -15.80 -6.35 -16.91
N THR A 180 -14.87 -6.61 -17.80
CA THR A 180 -14.58 -5.69 -18.91
C THR A 180 -14.96 -6.30 -20.25
N LEU A 181 -15.91 -5.66 -20.93
CA LEU A 181 -16.36 -6.09 -22.25
C LEU A 181 -16.68 -4.89 -23.13
N SER A 182 -16.76 -5.12 -24.45
CA SER A 182 -17.02 -4.05 -25.42
C SER A 182 -18.44 -3.49 -25.31
N LYS A 183 -18.62 -2.26 -25.80
CA LYS A 183 -19.92 -1.61 -25.82
C LYS A 183 -20.97 -2.47 -26.51
N ALA A 184 -20.55 -3.13 -27.59
CA ALA A 184 -21.45 -3.95 -28.40
C ALA A 184 -21.86 -5.26 -27.72
N ASP A 185 -20.93 -5.86 -26.98
CA ASP A 185 -21.19 -7.12 -26.26
C ASP A 185 -22.19 -6.92 -25.12
N TYR A 186 -22.11 -5.76 -24.49
CA TYR A 186 -22.99 -5.39 -23.39
C TYR A 186 -24.45 -5.21 -23.83
N GLU A 187 -24.67 -4.88 -25.10
CA GLU A 187 -26.01 -4.61 -25.61
C GLU A 187 -26.63 -5.75 -26.43
N LYS A 188 -25.85 -6.80 -26.67
CA LYS A 188 -26.35 -8.02 -27.31
C LYS A 188 -26.97 -8.95 -26.28
N HIS A 189 -26.50 -8.83 -25.03
CA HIS A 189 -27.00 -9.64 -23.92
C HIS A 189 -27.77 -8.77 -22.92
N LYS A 190 -28.58 -9.41 -22.07
CA LYS A 190 -29.50 -8.68 -21.19
C LYS A 190 -29.19 -8.74 -19.68
N VAL A 191 -28.95 -9.94 -19.15
CA VAL A 191 -28.86 -10.13 -17.69
C VAL A 191 -27.42 -10.28 -17.20
N TYR A 192 -27.05 -9.43 -16.25
CA TYR A 192 -25.67 -9.39 -15.74
C TYR A 192 -25.57 -9.85 -14.29
N ALA A 193 -25.03 -11.06 -14.13
CA ALA A 193 -25.01 -11.76 -12.85
C ALA A 193 -23.62 -11.89 -12.25
N CYS A 194 -23.53 -11.61 -10.95
CA CYS A 194 -22.32 -11.83 -10.18
C CYS A 194 -22.64 -12.82 -9.06
N GLU A 195 -22.08 -14.02 -9.17
CA GLU A 195 -22.31 -15.07 -8.17
C GLU A 195 -21.12 -15.22 -7.22
N VAL A 196 -21.42 -15.32 -5.93
CA VAL A 196 -20.40 -15.33 -4.89
C VAL A 196 -20.54 -16.54 -3.96
N THR A 197 -19.46 -17.27 -3.81
CA THR A 197 -19.39 -18.38 -2.85
C THR A 197 -18.41 -17.99 -1.78
N HIS A 198 -18.85 -18.06 -0.53
CA HIS A 198 -18.02 -17.73 0.60
C HIS A 198 -18.37 -18.62 1.77
N GLN A 199 -17.38 -18.85 2.64
CA GLN A 199 -17.56 -19.62 3.87
C GLN A 199 -18.72 -19.11 4.71
N GLY A 200 -18.89 -17.79 4.76
CA GLY A 200 -19.92 -17.13 5.57
C GLY A 200 -21.35 -17.28 5.04
N LEU A 201 -21.47 -17.71 3.80
CA LEU A 201 -22.76 -17.95 3.17
C LEU A 201 -23.12 -19.41 3.32
N SER A 202 -24.39 -19.68 3.61
CA SER A 202 -24.89 -21.06 3.65
C SER A 202 -25.17 -21.58 2.23
N SER A 203 -25.31 -20.66 1.28
CA SER A 203 -25.42 -20.98 -0.15
C SER A 203 -24.86 -19.80 -0.95
N PRO A 204 -24.43 -20.06 -2.20
CA PRO A 204 -23.96 -18.98 -3.07
C PRO A 204 -25.02 -17.90 -3.29
N VAL A 205 -24.58 -16.65 -3.40
CA VAL A 205 -25.45 -15.49 -3.55
C VAL A 205 -25.20 -14.87 -4.92
N THR A 206 -26.27 -14.68 -5.68
CA THR A 206 -26.14 -14.03 -6.98
C THR A 206 -26.83 -12.67 -6.97
N LYS A 207 -26.06 -11.63 -7.26
CA LYS A 207 -26.61 -10.30 -7.50
C LYS A 207 -26.60 -10.03 -8.99
N SER A 208 -27.66 -9.41 -9.49
CA SER A 208 -27.80 -9.20 -10.92
C SER A 208 -28.68 -8.00 -11.28
N PHE A 209 -28.58 -7.56 -12.53
CA PHE A 209 -29.43 -6.49 -13.03
C PHE A 209 -29.71 -6.71 -14.51
N ASN A 210 -30.77 -6.06 -15.01
CA ASN A 210 -31.03 -6.00 -16.44
C ASN A 210 -30.46 -4.70 -17.01
N ARG A 211 -29.76 -4.82 -18.12
CA ARG A 211 -29.12 -3.69 -18.81
C ARG A 211 -29.96 -2.41 -18.80
N GLU B 1 8.93 18.35 17.98
CA GLU B 1 8.13 17.52 17.03
C GLU B 1 8.84 17.38 15.69
N VAL B 2 9.50 16.24 15.49
CA VAL B 2 10.22 15.96 14.26
C VAL B 2 9.26 15.72 13.09
N GLN B 3 9.52 16.40 11.97
CA GLN B 3 8.75 16.23 10.75
C GLN B 3 9.68 16.15 9.54
N LEU B 4 9.56 15.06 8.77
CA LEU B 4 10.37 14.84 7.58
C LEU B 4 9.52 14.82 6.32
N VAL B 5 9.55 15.93 5.57
CA VAL B 5 8.81 16.05 4.34
C VAL B 5 9.68 15.60 3.18
N GLU B 6 9.07 14.89 2.24
CA GLU B 6 9.76 14.43 1.04
C GLU B 6 9.12 14.96 -0.24
N THR B 7 9.96 15.23 -1.24
CA THR B 7 9.55 15.72 -2.55
C THR B 7 10.46 15.15 -3.62
N GLY B 8 10.04 15.26 -4.89
CA GLY B 8 10.87 14.81 -6.00
C GLY B 8 10.41 13.55 -6.71
N GLY B 9 9.66 12.70 -5.99
CA GLY B 9 9.21 11.43 -6.54
C GLY B 9 8.26 11.56 -7.72
N GLY B 10 8.29 10.58 -8.61
CA GLY B 10 7.42 10.58 -9.79
C GLY B 10 7.95 9.68 -10.89
N LEU B 11 7.64 10.02 -12.13
CA LEU B 11 8.03 9.19 -13.28
C LEU B 11 9.29 9.70 -13.97
N ILE B 12 10.24 8.80 -14.19
CA ILE B 12 11.44 9.08 -14.99
C ILE B 12 11.75 7.99 -16.01
N GLN B 13 12.39 8.42 -17.11
CA GLN B 13 12.86 7.53 -18.16
C GLN B 13 14.01 6.68 -17.64
N PRO B 14 14.11 5.42 -18.11
CA PRO B 14 15.33 4.65 -17.88
C PRO B 14 16.50 5.42 -18.47
N GLY B 15 17.63 5.41 -17.79
CA GLY B 15 18.80 6.18 -18.19
C GLY B 15 18.85 7.56 -17.57
N GLY B 16 17.70 8.04 -17.11
CA GLY B 16 17.55 9.42 -16.62
C GLY B 16 18.06 9.63 -15.20
N SER B 17 17.90 10.86 -14.73
CA SER B 17 18.33 11.25 -13.39
C SER B 17 17.15 11.84 -12.61
N LEU B 18 17.19 11.76 -11.28
CA LEU B 18 16.14 12.31 -10.42
C LEU B 18 16.66 12.65 -9.04
N ARG B 19 16.22 13.80 -8.52
CA ARG B 19 16.65 14.28 -7.21
C ARG B 19 15.47 14.28 -6.23
N LEU B 20 15.73 13.81 -5.01
CA LEU B 20 14.73 13.76 -3.95
C LEU B 20 15.15 14.66 -2.80
N SER B 21 14.19 15.36 -2.19
CA SER B 21 14.44 16.24 -1.06
C SER B 21 13.78 15.74 0.22
N CYS B 22 14.49 15.83 1.34
CA CYS B 22 13.97 15.44 2.65
C CYS B 22 14.25 16.51 3.72
N ALA B 23 13.34 17.50 3.78
CA ALA B 23 13.42 18.61 4.75
C ALA B 23 13.20 18.12 6.19
N ALA B 24 14.12 18.49 7.07
CA ALA B 24 14.12 17.98 8.45
C ALA B 24 13.56 18.95 9.49
N SER B 25 13.35 18.44 10.70
CA SER B 25 12.93 19.22 11.87
C SER B 25 13.40 18.51 13.15
N GLY B 26 13.60 19.28 14.21
CA GLY B 26 13.83 18.71 15.54
C GLY B 26 15.22 18.16 15.83
N PHE B 27 16.04 18.01 14.79
CA PHE B 27 17.45 17.64 14.97
C PHE B 27 18.35 18.22 13.88
N THR B 28 19.65 17.95 13.96
CA THR B 28 20.62 18.50 13.01
C THR B 28 21.22 17.42 12.13
N VAL B 29 20.98 17.56 10.82
CA VAL B 29 21.43 16.61 9.80
C VAL B 29 22.94 16.39 9.86
N SER B 30 23.67 17.52 9.87
CA SER B 30 25.12 17.59 9.91
C SER B 30 25.81 16.65 10.92
N SER B 31 25.27 16.58 12.13
CA SER B 31 25.88 15.82 13.23
C SER B 31 25.38 14.37 13.31
N ASN B 32 24.21 14.12 12.74
CA ASN B 32 23.60 12.79 12.76
C ASN B 32 23.99 11.95 11.56
N TYR B 33 23.98 10.63 11.75
CA TYR B 33 24.13 9.70 10.64
C TYR B 33 22.76 9.58 9.98
N MET B 34 22.71 9.84 8.68
CA MET B 34 21.44 9.85 7.93
C MET B 34 21.43 8.78 6.84
N SER B 35 20.23 8.35 6.45
CA SER B 35 20.09 7.21 5.55
C SER B 35 19.00 7.39 4.51
N TRP B 36 19.18 6.74 3.36
CA TRP B 36 18.10 6.57 2.41
C TRP B 36 17.76 5.09 2.35
N VAL B 37 16.47 4.79 2.52
CA VAL B 37 15.97 3.43 2.45
C VAL B 37 14.92 3.39 1.34
N ARG B 38 14.98 2.35 0.50
CA ARG B 38 13.97 2.20 -0.53
C ARG B 38 13.21 0.88 -0.40
N GLN B 39 12.04 0.83 -1.01
CA GLN B 39 11.20 -0.37 -0.99
C GLN B 39 10.51 -0.54 -2.33
N ALA B 40 10.92 -1.56 -3.07
CA ALA B 40 10.25 -1.94 -4.33
C ALA B 40 8.80 -2.42 -4.04
N PRO B 41 7.88 -2.22 -4.99
CA PRO B 41 6.48 -2.58 -4.75
C PRO B 41 6.29 -4.06 -4.47
N GLY B 42 5.62 -4.38 -3.36
CA GLY B 42 5.37 -5.75 -2.95
C GLY B 42 6.57 -6.48 -2.37
N LYS B 43 7.64 -5.73 -2.09
CA LYS B 43 8.90 -6.33 -1.60
C LYS B 43 9.38 -5.71 -0.27
N GLY B 44 10.51 -6.22 0.23
CA GLY B 44 11.07 -5.81 1.51
C GLY B 44 11.79 -4.48 1.48
N LEU B 45 12.44 -4.14 2.58
CA LEU B 45 13.16 -2.87 2.66
C LEU B 45 14.63 -3.04 2.32
N GLU B 46 15.14 -2.14 1.48
CA GLU B 46 16.54 -2.15 1.08
C GLU B 46 17.19 -0.82 1.47
N TRP B 47 18.28 -0.91 2.24
CA TRP B 47 19.11 0.24 2.56
C TRP B 47 19.82 0.72 1.30
N VAL B 48 19.92 2.04 1.15
CA VAL B 48 20.49 2.63 -0.07
C VAL B 48 21.82 3.34 0.22
N SER B 49 21.76 4.37 1.07
CA SER B 49 22.95 5.15 1.37
C SER B 49 22.95 5.67 2.79
N VAL B 50 24.12 5.57 3.45
CA VAL B 50 24.34 6.24 4.73
C VAL B 50 25.37 7.36 4.59
N ILE B 51 25.08 8.48 5.23
CA ILE B 51 26.03 9.58 5.38
C ILE B 51 26.37 9.76 6.87
N TYR B 52 27.62 9.52 7.21
CA TYR B 52 28.10 9.59 8.59
C TYR B 52 28.13 11.03 9.14
N SER B 53 28.36 11.16 10.43
CA SER B 53 28.50 12.47 11.07
C SER B 53 29.77 13.18 10.58
N GLY B 54 30.84 12.41 10.40
CA GLY B 54 32.14 12.92 9.96
C GLY B 54 32.25 13.21 8.46
N GLY B 55 31.19 12.93 7.72
CA GLY B 55 31.13 13.22 6.29
C GLY B 55 31.33 12.00 5.40
N SER B 56 31.82 10.92 5.99
CA SER B 56 31.96 9.66 5.27
C SER B 56 30.62 9.23 4.68
N THR B 57 30.66 8.70 3.46
CA THR B 57 29.47 8.25 2.77
C THR B 57 29.63 6.80 2.37
N TYR B 58 28.62 5.99 2.69
CA TYR B 58 28.63 4.59 2.30
C TYR B 58 27.35 4.23 1.57
N TYR B 59 27.50 3.42 0.54
CA TYR B 59 26.41 3.09 -0.36
C TYR B 59 26.27 1.59 -0.51
N ALA B 60 25.04 1.15 -0.79
CA ALA B 60 24.79 -0.21 -1.23
C ALA B 60 25.45 -0.39 -2.59
N ASP B 61 25.95 -1.59 -2.85
CA ASP B 61 26.70 -1.88 -4.07
C ASP B 61 25.84 -1.74 -5.31
N SER B 62 24.52 -1.71 -5.12
CA SER B 62 23.55 -1.53 -6.20
C SER B 62 23.53 -0.09 -6.70
N VAL B 63 23.65 0.86 -5.78
CA VAL B 63 23.61 2.29 -6.11
C VAL B 63 24.99 2.94 -6.20
N LYS B 64 26.04 2.19 -5.85
CA LYS B 64 27.40 2.70 -5.81
C LYS B 64 27.83 3.27 -7.16
N GLY B 65 28.23 4.55 -7.15
CA GLY B 65 28.68 5.24 -8.35
C GLY B 65 27.61 6.00 -9.11
N ARG B 66 26.34 5.75 -8.78
CA ARG B 66 25.19 6.33 -9.47
C ARG B 66 24.44 7.32 -8.59
N PHE B 67 24.44 7.05 -7.29
CA PHE B 67 23.70 7.86 -6.33
C PHE B 67 24.69 8.66 -5.50
N THR B 68 24.34 9.90 -5.22
CA THR B 68 25.04 10.66 -4.19
C THR B 68 24.07 11.11 -3.11
N ILE B 69 24.36 10.72 -1.88
CA ILE B 69 23.69 11.27 -0.71
C ILE B 69 24.46 12.51 -0.26
N SER B 70 23.75 13.60 -0.04
CA SER B 70 24.38 14.85 0.35
C SER B 70 23.50 15.63 1.31
N ARG B 71 24.14 16.35 2.23
CA ARG B 71 23.42 17.15 3.20
C ARG B 71 23.63 18.64 2.95
N ASP B 72 22.54 19.39 3.05
CA ASP B 72 22.58 20.85 3.03
C ASP B 72 22.42 21.33 4.47
N ASN B 73 23.55 21.60 5.14
CA ASN B 73 23.56 22.01 6.54
C ASN B 73 22.68 23.24 6.80
N SER B 74 22.78 24.24 5.93
CA SER B 74 22.05 25.50 6.07
C SER B 74 20.53 25.38 5.90
N LYS B 75 20.08 24.66 4.88
CA LYS B 75 18.65 24.55 4.56
C LYS B 75 17.89 23.58 5.46
N ASN B 76 18.62 22.63 6.05
CA ASN B 76 18.05 21.53 6.83
C ASN B 76 17.48 20.44 5.92
N THR B 77 17.22 20.80 4.66
CA THR B 77 16.82 19.86 3.61
C THR B 77 17.95 18.86 3.32
N LEU B 78 17.57 17.62 3.05
CA LEU B 78 18.50 16.55 2.71
C LEU B 78 18.13 15.99 1.32
N TYR B 79 19.13 15.50 0.57
CA TYR B 79 18.95 15.15 -0.85
C TYR B 79 19.47 13.77 -1.22
N LEU B 80 18.83 13.14 -2.20
CA LEU B 80 19.39 11.97 -2.89
C LEU B 80 19.34 12.21 -4.41
N GLN B 81 20.53 12.38 -5.01
CA GLN B 81 20.68 12.60 -6.43
C GLN B 81 20.95 11.29 -7.14
N MET B 82 20.01 10.88 -7.97
CA MET B 82 20.09 9.59 -8.65
C MET B 82 20.42 9.76 -10.13
N ASN B 83 21.21 8.83 -10.65
CA ASN B 83 21.60 8.77 -12.05
C ASN B 83 21.42 7.37 -12.60
N SER B 84 21.51 7.27 -13.93
CA SER B 84 21.46 5.98 -14.65
C SER B 84 20.32 5.06 -14.20
N LEU B 85 19.13 5.62 -14.08
CA LEU B 85 18.00 4.91 -13.48
C LEU B 85 17.49 3.75 -14.35
N ARG B 86 17.13 2.65 -13.67
CA ARG B 86 16.63 1.41 -14.28
C ARG B 86 15.31 1.02 -13.62
N ALA B 87 14.58 0.10 -14.25
CA ALA B 87 13.31 -0.40 -13.70
C ALA B 87 13.46 -0.95 -12.28
N GLU B 88 14.58 -1.64 -12.04
CA GLU B 88 14.96 -2.16 -10.73
C GLU B 88 15.03 -1.10 -9.63
N ASP B 89 15.04 0.19 -10.03
CA ASP B 89 15.16 1.31 -9.09
C ASP B 89 13.80 1.85 -8.67
N THR B 90 12.75 1.38 -9.35
CA THR B 90 11.36 1.68 -9.00
C THR B 90 11.14 1.26 -7.56
N ALA B 91 10.65 2.19 -6.74
CA ALA B 91 10.52 1.96 -5.31
C ALA B 91 9.97 3.21 -4.64
N VAL B 92 9.47 3.04 -3.42
CA VAL B 92 9.18 4.16 -2.54
C VAL B 92 10.46 4.45 -1.77
N TYR B 93 10.89 5.70 -1.78
CA TYR B 93 12.16 6.09 -1.15
C TYR B 93 11.91 6.76 0.18
N TYR B 94 12.68 6.34 1.18
CA TYR B 94 12.56 6.85 2.55
C TYR B 94 13.88 7.46 3.03
N CYS B 95 13.80 8.67 3.57
CA CYS B 95 14.88 9.24 4.36
C CYS B 95 14.64 8.92 5.82
N ALA B 96 15.70 8.55 6.54
CA ALA B 96 15.62 8.19 7.97
C ALA B 96 16.96 8.27 8.70
N ARG B 97 16.90 8.55 10.00
CA ARG B 97 18.10 8.76 10.85
C ARG B 97 18.76 7.46 11.32
N TYR B 98 20.05 7.29 11.00
CA TYR B 98 20.79 6.07 11.34
C TYR B 98 21.67 6.27 12.56
N ASP B 99 21.56 5.37 13.55
CA ASP B 99 22.38 5.48 14.74
C ASP B 99 23.67 4.69 14.62
N GLY B 100 24.77 5.33 15.01
CA GLY B 100 26.11 4.78 14.82
C GLY B 100 26.46 3.63 15.72
N ILE B 101 26.08 3.72 16.99
CA ILE B 101 26.44 2.72 17.99
C ILE B 101 25.70 1.40 17.78
N TYR B 102 24.40 1.44 18.04
CA TYR B 102 23.51 0.28 17.95
C TYR B 102 22.05 0.74 18.08
N GLY B 103 21.83 2.04 17.95
CA GLY B 103 20.57 2.68 18.27
C GLY B 103 19.44 2.49 17.27
N GLU B 104 18.84 3.62 16.86
CA GLU B 104 17.53 3.63 16.22
C GLU B 104 17.44 4.43 14.91
N LEU B 105 16.50 4.04 14.07
CA LEU B 105 16.06 4.84 12.92
C LEU B 105 14.78 5.57 13.32
N ASP B 106 14.84 6.34 14.40
CA ASP B 106 13.63 6.80 15.12
C ASP B 106 12.55 7.44 14.26
N PHE B 107 12.94 8.40 13.43
CA PHE B 107 11.96 9.06 12.57
C PHE B 107 12.16 8.70 11.09
N TRP B 108 11.09 8.86 10.33
CA TRP B 108 11.03 8.45 8.94
C TRP B 108 10.24 9.46 8.14
N GLY B 109 10.65 9.69 6.90
CA GLY B 109 9.84 10.49 5.98
C GLY B 109 8.63 9.70 5.58
N GLN B 110 7.60 10.40 5.11
CA GLN B 110 6.36 9.77 4.65
C GLN B 110 6.59 8.86 3.43
N GLY B 111 7.71 9.06 2.74
CA GLY B 111 8.07 8.26 1.56
C GLY B 111 7.58 8.88 0.27
N THR B 112 8.38 8.72 -0.79
CA THR B 112 8.04 9.29 -2.10
C THR B 112 8.30 8.29 -3.24
N LEU B 113 7.24 7.97 -3.99
CA LEU B 113 7.32 6.93 -5.03
C LEU B 113 8.07 7.37 -6.27
N VAL B 114 9.00 6.53 -6.71
CA VAL B 114 9.76 6.78 -7.93
C VAL B 114 9.52 5.64 -8.93
N THR B 115 8.96 5.97 -10.09
CA THR B 115 8.67 4.97 -11.11
C THR B 115 9.61 5.14 -12.30
N VAL B 116 10.40 4.11 -12.58
CA VAL B 116 11.30 4.13 -13.73
C VAL B 116 10.72 3.30 -14.86
N SER B 117 10.16 3.99 -15.85
CA SER B 117 9.54 3.37 -17.00
C SER B 117 9.62 4.33 -18.17
N SER B 118 9.72 3.79 -19.39
CA SER B 118 9.77 4.61 -20.60
C SER B 118 8.37 4.86 -21.19
N ALA B 119 7.36 4.19 -20.63
CA ALA B 119 5.97 4.36 -21.06
C ALA B 119 5.45 5.75 -20.70
N SER B 120 4.73 6.37 -21.63
CA SER B 120 4.23 7.74 -21.46
C SER B 120 3.12 7.83 -20.41
N THR B 121 3.04 8.99 -19.78
CA THR B 121 1.98 9.29 -18.83
C THR B 121 0.62 9.29 -19.53
N LYS B 122 -0.38 8.71 -18.86
CA LYS B 122 -1.77 8.82 -19.31
C LYS B 122 -2.69 9.11 -18.15
N GLY B 123 -3.48 10.17 -18.30
CA GLY B 123 -4.46 10.57 -17.29
C GLY B 123 -5.64 9.61 -17.27
N PRO B 124 -6.30 9.48 -16.11
CA PRO B 124 -7.37 8.51 -16.01
C PRO B 124 -8.73 9.04 -16.44
N SER B 125 -9.62 8.13 -16.82
CA SER B 125 -11.02 8.44 -16.94
C SER B 125 -11.63 8.20 -15.57
N VAL B 126 -12.62 9.01 -15.23
CA VAL B 126 -13.32 8.90 -13.94
C VAL B 126 -14.82 8.69 -14.20
N PHE B 127 -15.25 7.43 -14.14
CA PHE B 127 -16.65 7.07 -14.36
C PHE B 127 -17.38 6.83 -13.03
N PRO B 128 -18.67 7.19 -12.96
CA PRO B 128 -19.41 7.01 -11.71
C PRO B 128 -19.88 5.58 -11.44
N LEU B 129 -19.84 5.19 -10.17
CA LEU B 129 -20.43 3.95 -9.72
C LEU B 129 -21.75 4.31 -9.05
N ALA B 130 -22.84 4.03 -9.77
CA ALA B 130 -24.17 4.54 -9.43
C ALA B 130 -24.83 3.77 -8.28
N PRO B 131 -25.17 4.48 -7.19
CA PRO B 131 -25.94 3.90 -6.10
C PRO B 131 -27.39 3.69 -6.51
N SER B 132 -27.94 2.53 -6.18
CA SER B 132 -29.32 2.18 -6.53
C SER B 132 -29.98 1.42 -5.39
N GLY B 139 -32.01 0.19 2.77
CA GLY B 139 -31.40 0.68 4.00
C GLY B 139 -30.04 1.34 3.82
N THR B 140 -29.15 0.68 3.08
CA THR B 140 -27.78 1.17 2.92
C THR B 140 -27.34 1.24 1.46
N ALA B 141 -26.69 2.35 1.11
CA ALA B 141 -26.30 2.65 -0.27
C ALA B 141 -24.79 2.57 -0.51
N ALA B 142 -24.41 1.86 -1.57
CA ALA B 142 -23.01 1.82 -2.00
C ALA B 142 -22.79 2.68 -3.25
N LEU B 143 -21.85 3.63 -3.15
CA LEU B 143 -21.50 4.48 -4.29
C LEU B 143 -19.99 4.71 -4.39
N GLY B 144 -19.50 4.85 -5.62
CA GLY B 144 -18.07 5.05 -5.86
C GLY B 144 -17.69 5.70 -7.18
N CYS B 145 -16.39 5.72 -7.46
CA CYS B 145 -15.85 6.21 -8.72
C CYS B 145 -14.83 5.22 -9.30
N LEU B 146 -14.91 5.02 -10.62
CA LEU B 146 -14.01 4.12 -11.32
C LEU B 146 -12.91 4.91 -12.02
N VAL B 147 -11.68 4.78 -11.51
CA VAL B 147 -10.53 5.45 -12.09
C VAL B 147 -9.85 4.49 -13.07
N LYS B 148 -10.21 4.63 -14.34
CA LYS B 148 -9.81 3.67 -15.37
C LYS B 148 -8.74 4.23 -16.34
N ASP B 149 -7.86 3.34 -16.80
CA ASP B 149 -6.85 3.64 -17.82
C ASP B 149 -5.94 4.82 -17.47
N TYR B 150 -5.02 4.58 -16.55
CA TYR B 150 -4.00 5.58 -16.22
C TYR B 150 -2.62 4.97 -16.08
N PHE B 151 -1.60 5.79 -16.29
CA PHE B 151 -0.21 5.40 -16.04
C PHE B 151 0.64 6.63 -15.71
N PRO B 152 1.51 6.51 -14.68
CA PRO B 152 1.65 5.36 -13.80
C PRO B 152 0.82 5.56 -12.52
N GLU B 153 1.13 4.79 -11.48
CA GLU B 153 0.58 5.03 -10.16
C GLU B 153 1.33 6.23 -9.56
N PRO B 154 0.77 6.88 -8.52
CA PRO B 154 -0.53 6.62 -7.90
C PRO B 154 -1.60 7.63 -8.31
N VAL B 155 -2.85 7.34 -7.93
CA VAL B 155 -3.94 8.30 -7.90
C VAL B 155 -4.40 8.45 -6.45
N THR B 156 -4.77 9.66 -6.06
CA THR B 156 -5.33 9.87 -4.72
C THR B 156 -6.81 10.17 -4.83
N VAL B 157 -7.62 9.20 -4.42
CA VAL B 157 -9.06 9.37 -4.44
C VAL B 157 -9.56 9.78 -3.06
N SER B 158 -10.19 10.94 -3.01
CA SER B 158 -10.82 11.44 -1.80
C SER B 158 -12.31 11.58 -2.06
N TRP B 159 -13.08 11.90 -1.02
CA TRP B 159 -14.50 12.18 -1.16
C TRP B 159 -14.87 13.48 -0.45
N ASN B 160 -15.60 14.33 -1.17
CA ASN B 160 -16.04 15.64 -0.67
C ASN B 160 -14.90 16.50 -0.10
N SER B 161 -13.81 16.58 -0.86
CA SER B 161 -12.62 17.35 -0.48
C SER B 161 -12.03 16.92 0.87
N GLY B 162 -11.95 15.61 1.09
CA GLY B 162 -11.39 15.04 2.31
C GLY B 162 -12.31 15.08 3.52
N ALA B 163 -13.59 15.32 3.28
CA ALA B 163 -14.59 15.39 4.36
C ALA B 163 -15.16 14.01 4.69
N LEU B 164 -15.58 13.29 3.64
CA LEU B 164 -16.14 11.94 3.79
C LEU B 164 -15.04 10.88 3.83
N THR B 165 -14.34 10.81 4.96
CA THR B 165 -13.20 9.90 5.12
C THR B 165 -13.58 8.56 5.77
N SER B 166 -14.75 8.52 6.39
CA SER B 166 -15.22 7.33 7.12
C SER B 166 -16.01 6.35 6.23
N GLY B 167 -15.65 5.07 6.30
CA GLY B 167 -16.36 4.01 5.58
C GLY B 167 -16.03 3.94 4.10
N VAL B 168 -14.81 4.33 3.75
CA VAL B 168 -14.35 4.35 2.35
C VAL B 168 -13.41 3.18 2.06
N HIS B 169 -13.64 2.52 0.94
CA HIS B 169 -12.69 1.53 0.43
C HIS B 169 -12.22 1.94 -0.97
N THR B 170 -10.96 2.34 -1.04
CA THR B 170 -10.30 2.65 -2.31
C THR B 170 -9.35 1.49 -2.61
N PHE B 171 -9.73 0.68 -3.60
CA PHE B 171 -9.07 -0.59 -3.87
C PHE B 171 -7.67 -0.42 -4.48
N PRO B 172 -6.73 -1.35 -4.14
CA PRO B 172 -5.41 -1.39 -4.80
C PRO B 172 -5.56 -1.60 -6.31
N ALA B 173 -4.73 -0.91 -7.08
CA ALA B 173 -4.88 -0.85 -8.54
C ALA B 173 -4.36 -2.11 -9.23
N VAL B 174 -5.16 -2.63 -10.16
CA VAL B 174 -4.76 -3.76 -11.00
C VAL B 174 -4.20 -3.27 -12.34
N LEU B 175 -3.20 -3.98 -12.84
CA LEU B 175 -2.59 -3.66 -14.13
C LEU B 175 -3.30 -4.43 -15.25
N GLN B 176 -4.02 -3.70 -16.09
CA GLN B 176 -4.72 -4.27 -17.23
C GLN B 176 -3.71 -4.61 -18.32
N SER B 177 -4.03 -5.65 -19.10
CA SER B 177 -3.20 -6.10 -20.23
C SER B 177 -2.73 -4.95 -21.13
N SER B 178 -3.54 -3.90 -21.22
CA SER B 178 -3.24 -2.70 -22.00
C SER B 178 -1.96 -1.99 -21.59
N GLY B 179 -1.55 -2.17 -20.34
CA GLY B 179 -0.39 -1.47 -19.78
C GLY B 179 -0.80 -0.30 -18.89
N LEU B 180 -2.11 -0.16 -18.71
CA LEU B 180 -2.68 0.92 -17.91
C LEU B 180 -3.36 0.37 -16.65
N TYR B 181 -3.27 1.14 -15.57
CA TYR B 181 -3.85 0.77 -14.28
C TYR B 181 -5.31 1.17 -14.19
N SER B 182 -6.06 0.43 -13.38
CA SER B 182 -7.47 0.73 -13.12
C SER B 182 -7.84 0.41 -11.67
N LEU B 183 -8.86 1.11 -11.17
CA LEU B 183 -9.15 1.13 -9.74
C LEU B 183 -10.60 1.57 -9.50
N SER B 184 -11.17 1.15 -8.37
CA SER B 184 -12.47 1.65 -7.93
C SER B 184 -12.42 2.09 -6.47
N SER B 185 -13.21 3.11 -6.13
CA SER B 185 -13.26 3.64 -4.77
C SER B 185 -14.69 3.80 -4.28
N VAL B 186 -15.08 2.98 -3.31
CA VAL B 186 -16.46 2.96 -2.81
C VAL B 186 -16.58 3.54 -1.40
N VAL B 187 -17.78 4.03 -1.09
CA VAL B 187 -18.05 4.61 0.23
C VAL B 187 -19.53 4.47 0.61
N THR B 188 -19.80 3.58 1.57
CA THR B 188 -21.16 3.37 2.07
C THR B 188 -21.62 4.56 2.92
N VAL B 189 -22.83 5.00 2.64
CA VAL B 189 -23.39 6.22 3.23
C VAL B 189 -24.85 6.00 3.68
N PRO B 190 -25.33 6.79 4.66
CA PRO B 190 -26.75 6.71 5.05
C PRO B 190 -27.66 7.03 3.87
N SER B 191 -28.60 6.14 3.59
CA SER B 191 -29.52 6.28 2.46
C SER B 191 -30.41 7.53 2.53
N SER B 192 -30.65 8.02 3.75
CA SER B 192 -31.46 9.22 3.97
C SER B 192 -30.81 10.50 3.43
N SER B 193 -29.49 10.47 3.28
CA SER B 193 -28.73 11.63 2.82
C SER B 193 -28.46 11.65 1.31
N LEU B 194 -29.17 10.81 0.56
CA LEU B 194 -29.09 10.82 -0.90
C LEU B 194 -29.66 12.12 -1.48
N GLY B 195 -30.80 12.54 -0.93
CA GLY B 195 -31.47 13.76 -1.38
C GLY B 195 -30.75 15.03 -0.98
N THR B 196 -30.37 15.11 0.30
CA THR B 196 -29.70 16.30 0.84
C THR B 196 -28.23 16.40 0.44
N GLN B 197 -27.40 15.53 1.01
CA GLN B 197 -25.95 15.57 0.82
C GLN B 197 -25.50 14.98 -0.51
N THR B 198 -24.86 15.82 -1.33
CA THR B 198 -24.27 15.39 -2.59
C THR B 198 -22.91 14.74 -2.33
N TYR B 199 -22.62 13.66 -3.07
CA TYR B 199 -21.36 12.95 -2.94
C TYR B 199 -20.47 13.08 -4.17
N ILE B 200 -19.30 13.68 -3.97
CA ILE B 200 -18.34 13.94 -5.06
C ILE B 200 -16.98 13.31 -4.74
N CYS B 201 -16.47 12.50 -5.66
CA CYS B 201 -15.11 11.98 -5.56
C CYS B 201 -14.11 12.93 -6.20
N ASN B 202 -12.94 13.07 -5.59
CA ASN B 202 -11.89 13.92 -6.13
C ASN B 202 -10.66 13.08 -6.48
N VAL B 203 -10.44 12.90 -7.78
CA VAL B 203 -9.33 12.08 -8.25
C VAL B 203 -8.19 12.98 -8.69
N ASN B 204 -7.07 12.89 -7.97
CA ASN B 204 -5.86 13.61 -8.33
C ASN B 204 -4.75 12.65 -8.78
N HIS B 205 -4.17 12.94 -9.93
CA HIS B 205 -3.09 12.16 -10.51
C HIS B 205 -1.98 13.11 -10.91
N LYS B 206 -1.00 13.26 -10.03
CA LYS B 206 0.11 14.22 -10.23
C LYS B 206 0.93 14.01 -11.52
N PRO B 207 1.19 12.75 -11.93
CA PRO B 207 2.05 12.55 -13.11
C PRO B 207 1.52 13.18 -14.41
N SER B 208 0.20 13.16 -14.61
CA SER B 208 -0.39 13.79 -15.79
C SER B 208 -0.99 15.15 -15.45
N ASN B 209 -0.82 15.58 -14.19
CA ASN B 209 -1.37 16.83 -13.66
C ASN B 209 -2.91 16.89 -13.73
N THR B 210 -3.52 15.71 -13.86
CA THR B 210 -4.97 15.56 -13.90
C THR B 210 -5.56 15.73 -12.50
N LYS B 211 -6.71 16.40 -12.42
CA LYS B 211 -7.38 16.63 -11.14
C LYS B 211 -8.89 16.71 -11.35
N VAL B 212 -9.50 15.54 -11.54
CA VAL B 212 -10.93 15.43 -11.84
C VAL B 212 -11.79 15.44 -10.57
N ASP B 213 -12.84 16.28 -10.60
CA ASP B 213 -13.92 16.21 -9.63
C ASP B 213 -15.13 15.59 -10.32
N LYS B 214 -15.73 14.58 -9.69
CA LYS B 214 -16.88 13.90 -10.27
C LYS B 214 -18.01 13.72 -9.26
N LYS B 215 -19.14 14.35 -9.55
CA LYS B 215 -20.35 14.23 -8.76
C LYS B 215 -21.04 12.90 -9.08
N VAL B 216 -21.33 12.12 -8.05
CA VAL B 216 -22.05 10.85 -8.21
C VAL B 216 -23.47 10.98 -7.68
N GLU B 217 -24.43 10.75 -8.57
CA GLU B 217 -25.86 10.83 -8.24
C GLU B 217 -26.56 9.52 -8.55
N PRO B 218 -27.60 9.17 -7.76
CA PRO B 218 -28.32 7.89 -7.93
C PRO B 218 -29.01 7.75 -9.29
N LYS B 219 -28.83 6.60 -9.92
CA LYS B 219 -29.46 6.30 -11.21
C LYS B 219 -30.40 5.10 -11.07
S SO4 C . 15.99 -1.27 -17.53
O1 SO4 C . 17.25 -0.49 -17.42
O2 SO4 C . 14.91 -0.52 -16.86
O3 SO4 C . 16.18 -2.57 -16.85
O4 SO4 C . 15.67 -1.48 -18.95
#